data_1QYY
#
_entry.id   1QYY
#
_cell.length_a   51.610
_cell.length_b   113.820
_cell.length_c   56.210
_cell.angle_alpha   90.00
_cell.angle_beta   95.21
_cell.angle_gamma   90.00
#
_symmetry.space_group_name_H-M   'P 1 21 1'
#
loop_
_entity.id
_entity.type
_entity.pdbx_description
1 polymer 'Platelet glycoprotein Ib alpha chain'
2 branched alpha-D-mannopyranose-(1-3)-alpha-D-mannopyranose-(1-4)-2-acetamido-2-deoxy-beta-D-glucopyranose-(1-4)-2-acetamido-2-deoxy-beta-D-glucopyranose
3 non-polymer 'PLATINUM (II) ION'
4 non-polymer 2-acetamido-2-deoxy-beta-D-glucopyranose
5 water water
#
_entity_poly.entity_id   1
_entity_poly.type   'polypeptide(L)'
_entity_poly.pdbx_seq_one_letter_code
;HPICEVSKVASHLEVNCDKRNLTALPPDLPKDTTILHLSENLLYTFSLATLMPYTRLTQLNLDRAELTKLQVDGTLPVLG
TLDLSHNQLQSLPLLGQTLPALTVLDVSFNRLTSLPLGALRGLGELQELYLKGNELKTLPPGLLTPTPKLEKLSLANNNL
TELPAGLLNGLENLDTLLLQENSLYTIPKGFFGSHLLPFAFLHGNPWLCNCEILYFRRWLQDNAENVYVWKQGVDVKAMT
SNVASVQCDNSDKFPVYKYPGKGCPTLGDEGDTDLYDYYPEEDTEGDKVR
;
_entity_poly.pdbx_strand_id   A,G
#
loop_
_chem_comp.id
_chem_comp.type
_chem_comp.name
_chem_comp.formula
MAN D-saccharide, alpha linking alpha-D-mannopyranose 'C6 H12 O6'
NAG D-saccharide, beta linking 2-acetamido-2-deoxy-beta-D-glucopyranose 'C8 H15 N O6'
PT non-polymer 'PLATINUM (II) ION' 'Pt 2'
#
# COMPACT_ATOMS: atom_id res chain seq x y z
N HIS A 1 4.81 18.50 -14.03
CA HIS A 1 5.57 18.27 -12.77
C HIS A 1 4.69 18.56 -11.55
N PRO A 2 3.88 19.64 -11.61
CA PRO A 2 3.01 19.93 -10.46
C PRO A 2 1.50 19.71 -10.64
N ILE A 3 1.12 18.50 -11.05
CA ILE A 3 -0.30 18.17 -11.22
C ILE A 3 -0.49 16.82 -10.52
N CYS A 4 0.40 15.89 -10.84
CA CYS A 4 0.40 14.56 -10.27
C CYS A 4 1.71 14.50 -9.47
N GLU A 5 1.85 13.48 -8.61
CA GLU A 5 3.06 13.33 -7.81
C GLU A 5 4.20 12.75 -8.64
N VAL A 6 5.23 13.57 -8.89
CA VAL A 6 6.39 13.13 -9.67
C VAL A 6 7.50 12.60 -8.77
N SER A 7 7.89 11.36 -8.99
CA SER A 7 8.96 10.75 -8.20
C SER A 7 10.19 11.21 -8.94
N LYS A 8 11.35 10.63 -8.61
CA LYS A 8 12.61 11.01 -9.26
C LYS A 8 13.53 9.81 -9.44
N VAL A 9 14.27 9.48 -8.39
CA VAL A 9 15.22 8.37 -8.37
C VAL A 9 15.96 8.08 -9.68
N ALA A 10 17.27 8.35 -9.66
CA ALA A 10 18.16 8.13 -10.80
C ALA A 10 17.50 8.21 -12.18
N SER A 11 17.69 9.35 -12.84
CA SER A 11 17.16 9.59 -14.19
C SER A 11 15.68 9.27 -14.42
N HIS A 12 15.41 8.08 -14.99
CA HIS A 12 14.04 7.67 -15.28
C HIS A 12 13.05 7.96 -14.15
N LEU A 13 12.21 8.98 -14.36
CA LEU A 13 11.23 9.39 -13.35
C LEU A 13 9.87 8.71 -13.47
N GLU A 14 9.16 8.67 -12.35
CA GLU A 14 7.85 8.03 -12.26
C GLU A 14 6.75 9.02 -11.87
N VAL A 15 5.73 9.14 -12.71
CA VAL A 15 4.64 10.07 -12.43
C VAL A 15 3.34 9.37 -12.04
N ASN A 16 2.82 9.71 -10.87
CA ASN A 16 1.59 9.12 -10.35
C ASN A 16 0.38 10.04 -10.51
N CYS A 17 -0.54 9.69 -11.42
CA CYS A 17 -1.74 10.50 -11.64
C CYS A 17 -2.98 9.71 -11.27
N ASP A 18 -2.88 8.93 -10.19
CA ASP A 18 -3.99 8.11 -9.73
C ASP A 18 -5.05 8.83 -8.93
N LYS A 19 -6.21 8.21 -8.83
CA LYS A 19 -7.32 8.73 -8.03
C LYS A 19 -7.38 10.25 -8.11
N ARG A 20 -7.44 10.80 -9.32
CA ARG A 20 -7.49 12.25 -9.50
C ARG A 20 -8.57 12.73 -10.46
N ASN A 21 -9.67 11.99 -10.51
CA ASN A 21 -10.81 12.32 -11.34
C ASN A 21 -10.47 12.79 -12.76
N LEU A 22 -9.32 12.35 -13.27
CA LEU A 22 -8.87 12.72 -14.60
C LEU A 22 -9.68 12.05 -15.68
N THR A 23 -9.92 12.78 -16.77
CA THR A 23 -10.70 12.26 -17.90
C THR A 23 -9.76 12.14 -19.10
N ALA A 24 -8.51 12.51 -18.89
CA ALA A 24 -7.52 12.43 -19.94
C ALA A 24 -6.15 12.82 -19.43
N LEU A 25 -5.16 12.57 -20.28
CA LEU A 25 -3.77 12.86 -19.99
C LEU A 25 -3.57 14.32 -19.57
N PRO A 26 -2.92 14.55 -18.42
CA PRO A 26 -2.66 15.91 -17.93
C PRO A 26 -1.56 16.61 -18.75
N PRO A 27 -1.82 17.83 -19.24
CA PRO A 27 -0.93 18.67 -20.05
C PRO A 27 0.51 18.97 -19.63
N ASP A 28 0.79 19.09 -18.33
CA ASP A 28 2.15 19.41 -17.89
C ASP A 28 2.96 18.23 -17.34
N LEU A 29 2.81 17.06 -17.95
CA LEU A 29 3.57 15.90 -17.49
C LEU A 29 4.99 16.07 -18.01
N PRO A 30 6.00 15.83 -17.17
CA PRO A 30 7.38 15.98 -17.63
C PRO A 30 7.61 15.24 -18.94
N LYS A 31 8.38 15.82 -19.86
CA LYS A 31 8.61 15.19 -21.15
C LYS A 31 9.44 13.92 -21.12
N ASP A 32 10.55 13.94 -20.38
CA ASP A 32 11.39 12.75 -20.30
C ASP A 32 10.87 11.79 -19.23
N THR A 33 9.56 11.59 -19.28
CA THR A 33 8.83 10.70 -18.37
C THR A 33 9.05 9.24 -18.77
N THR A 34 9.08 8.33 -17.79
CA THR A 34 9.29 6.93 -18.12
C THR A 34 8.14 6.03 -17.68
N ILE A 35 7.58 6.28 -16.50
CA ILE A 35 6.48 5.45 -15.99
C ILE A 35 5.30 6.30 -15.62
N LEU A 36 4.12 5.91 -16.09
CA LEU A 36 2.93 6.70 -15.79
C LEU A 36 1.79 5.91 -15.18
N HIS A 37 1.38 6.33 -14.00
CA HIS A 37 0.28 5.71 -13.30
C HIS A 37 -0.93 6.62 -13.52
N LEU A 38 -1.99 6.04 -14.05
CA LEU A 38 -3.22 6.78 -14.34
C LEU A 38 -4.40 5.93 -13.92
N SER A 39 -4.21 5.17 -12.86
CA SER A 39 -5.27 4.30 -12.38
C SER A 39 -6.27 5.04 -11.54
N GLU A 40 -7.48 4.49 -11.44
CA GLU A 40 -8.52 5.09 -10.65
C GLU A 40 -8.85 6.49 -11.17
N ASN A 41 -9.08 6.56 -12.47
CA ASN A 41 -9.44 7.80 -13.14
C ASN A 41 -10.63 7.50 -14.04
N LEU A 42 -11.18 8.53 -14.68
CA LEU A 42 -12.32 8.30 -15.54
C LEU A 42 -11.92 8.36 -17.00
N LEU A 43 -11.24 7.31 -17.45
CA LEU A 43 -10.80 7.24 -18.84
C LEU A 43 -11.74 6.35 -19.65
N TYR A 44 -13.02 6.68 -19.67
CA TYR A 44 -14.00 5.89 -20.42
C TYR A 44 -13.46 5.64 -21.82
N THR A 45 -12.67 6.59 -22.31
CA THR A 45 -12.09 6.49 -23.63
C THR A 45 -10.66 7.02 -23.53
N PHE A 46 -9.73 6.33 -24.19
CA PHE A 46 -8.34 6.77 -24.15
C PHE A 46 -7.62 6.50 -25.49
N SER A 47 -6.82 7.47 -25.93
CA SER A 47 -6.10 7.32 -27.18
C SER A 47 -4.59 7.19 -27.00
N LEU A 48 -4.07 5.99 -27.27
CA LEU A 48 -2.65 5.72 -27.13
C LEU A 48 -1.82 6.78 -27.81
N ALA A 49 -2.39 7.42 -28.82
CA ALA A 49 -1.68 8.46 -29.57
C ALA A 49 -1.26 9.66 -28.73
N THR A 50 -2.11 10.08 -27.79
CA THR A 50 -1.77 11.23 -26.95
C THR A 50 -0.48 11.07 -26.17
N LEU A 51 0.18 9.93 -26.32
CA LEU A 51 1.42 9.71 -25.62
C LEU A 51 2.60 9.83 -26.58
N MET A 52 2.29 10.04 -27.86
CA MET A 52 3.30 10.18 -28.92
C MET A 52 4.48 11.02 -28.40
N PRO A 53 4.20 12.16 -27.74
CA PRO A 53 5.23 13.05 -27.19
C PRO A 53 6.22 12.50 -26.17
N TYR A 54 5.77 11.60 -25.30
CA TYR A 54 6.66 11.08 -24.25
C TYR A 54 7.52 9.94 -24.73
N THR A 55 8.53 10.31 -25.52
CA THR A 55 9.49 9.41 -26.14
C THR A 55 10.26 8.49 -25.21
N ARG A 56 10.18 8.73 -23.91
CA ARG A 56 10.88 7.91 -22.93
C ARG A 56 9.96 7.02 -22.09
N LEU A 57 8.66 7.05 -22.43
CA LEU A 57 7.63 6.28 -21.73
C LEU A 57 7.71 4.78 -21.97
N THR A 58 7.99 4.02 -20.92
CA THR A 58 8.08 2.57 -21.02
C THR A 58 6.94 1.80 -20.32
N GLN A 59 6.38 2.37 -19.25
CA GLN A 59 5.30 1.72 -18.51
C GLN A 59 4.06 2.61 -18.35
N LEU A 60 2.90 2.11 -18.75
CA LEU A 60 1.68 2.88 -18.62
C LEU A 60 0.59 2.07 -17.91
N ASN A 61 0.01 2.68 -16.88
CA ASN A 61 -1.06 2.06 -16.12
C ASN A 61 -2.38 2.79 -16.36
N LEU A 62 -3.38 2.03 -16.80
CA LEU A 62 -4.72 2.57 -17.07
C LEU A 62 -5.72 1.63 -16.40
N ASP A 63 -5.29 0.93 -15.35
CA ASP A 63 -6.14 -0.02 -14.65
C ASP A 63 -7.11 0.64 -13.71
N ARG A 64 -8.26 0.00 -13.50
CA ARG A 64 -9.29 0.53 -12.62
C ARG A 64 -9.62 1.96 -13.05
N ALA A 65 -9.81 2.15 -14.35
CA ALA A 65 -10.12 3.47 -14.86
C ALA A 65 -11.38 3.52 -15.69
N GLU A 66 -12.31 2.60 -15.45
CA GLU A 66 -13.55 2.57 -16.18
C GLU A 66 -13.32 2.72 -17.68
N LEU A 67 -12.20 2.17 -18.16
CA LEU A 67 -11.84 2.24 -19.58
C LEU A 67 -12.77 1.36 -20.42
N THR A 68 -13.31 1.91 -21.50
CA THR A 68 -14.22 1.18 -22.37
C THR A 68 -13.75 1.10 -23.82
N LYS A 69 -13.02 2.11 -24.27
CA LYS A 69 -12.53 2.11 -25.64
C LYS A 69 -11.10 2.65 -25.77
N LEU A 70 -10.17 1.78 -26.14
CA LEU A 70 -8.78 2.19 -26.30
C LEU A 70 -8.49 2.43 -27.77
N GLN A 71 -8.05 3.64 -28.11
CA GLN A 71 -7.71 3.96 -29.49
C GLN A 71 -6.24 3.69 -29.70
N VAL A 72 -5.91 3.03 -30.81
CA VAL A 72 -4.51 2.72 -31.12
C VAL A 72 -4.07 3.41 -32.42
N ASP A 73 -3.82 4.71 -32.32
CA ASP A 73 -3.43 5.52 -33.48
C ASP A 73 -2.06 5.19 -34.09
N GLY A 74 -1.02 5.84 -33.58
CA GLY A 74 0.32 5.64 -34.12
C GLY A 74 1.23 4.62 -33.48
N THR A 75 2.35 5.11 -32.96
CA THR A 75 3.31 4.25 -32.32
C THR A 75 4.03 4.87 -31.12
N LEU A 76 4.44 3.98 -30.22
CA LEU A 76 5.17 4.32 -29.01
C LEU A 76 6.16 3.16 -29.03
N PRO A 77 7.21 3.27 -29.86
CA PRO A 77 8.24 2.22 -29.99
C PRO A 77 9.01 1.81 -28.75
N VAL A 78 8.86 2.57 -27.67
CA VAL A 78 9.58 2.24 -26.44
C VAL A 78 8.70 1.73 -25.30
N LEU A 79 7.39 1.69 -25.49
CA LEU A 79 6.52 1.20 -24.43
C LEU A 79 6.66 -0.31 -24.29
N GLY A 80 6.94 -0.77 -23.07
CA GLY A 80 7.11 -2.18 -22.84
C GLY A 80 6.05 -2.80 -21.96
N THR A 81 5.57 -2.03 -20.98
CA THR A 81 4.54 -2.50 -20.08
C THR A 81 3.28 -1.66 -20.22
N LEU A 82 2.14 -2.34 -20.25
CA LEU A 82 0.83 -1.69 -20.36
C LEU A 82 -0.18 -2.45 -19.51
N ASP A 83 -0.75 -1.75 -18.53
CA ASP A 83 -1.72 -2.37 -17.65
C ASP A 83 -3.14 -1.89 -17.95
N LEU A 84 -4.00 -2.82 -18.37
CA LEU A 84 -5.38 -2.49 -18.70
C LEU A 84 -6.37 -3.22 -17.81
N SER A 85 -5.88 -3.86 -16.75
CA SER A 85 -6.77 -4.60 -15.85
C SER A 85 -7.83 -3.76 -15.13
N HIS A 86 -8.96 -4.39 -14.85
CA HIS A 86 -10.08 -3.78 -14.16
C HIS A 86 -10.75 -2.63 -14.90
N ASN A 87 -11.14 -2.91 -16.15
CA ASN A 87 -11.81 -1.93 -16.99
C ASN A 87 -13.01 -2.63 -17.65
N GLN A 88 -13.57 -2.04 -18.70
CA GLN A 88 -14.72 -2.63 -19.34
C GLN A 88 -14.57 -2.92 -20.84
N LEU A 89 -13.35 -3.20 -21.28
CA LEU A 89 -13.11 -3.50 -22.69
C LEU A 89 -13.82 -4.79 -23.07
N GLN A 90 -14.83 -4.68 -23.92
CA GLN A 90 -15.60 -5.84 -24.34
C GLN A 90 -14.82 -6.65 -25.37
N SER A 91 -13.89 -5.99 -26.03
CA SER A 91 -13.05 -6.61 -27.03
C SER A 91 -11.58 -6.28 -26.76
N LEU A 92 -10.69 -7.24 -26.99
CA LEU A 92 -9.26 -7.05 -26.77
C LEU A 92 -8.67 -6.13 -27.84
N PRO A 93 -7.85 -5.15 -27.44
CA PRO A 93 -7.22 -4.20 -28.37
C PRO A 93 -6.18 -4.89 -29.25
N LEU A 94 -5.93 -4.33 -30.42
CA LEU A 94 -4.90 -4.88 -31.33
C LEU A 94 -3.75 -3.90 -31.26
N LEU A 95 -2.75 -4.25 -30.45
CA LEU A 95 -1.58 -3.41 -30.20
C LEU A 95 -0.33 -3.68 -31.04
N GLY A 96 -0.33 -4.78 -31.79
CA GLY A 96 0.84 -5.10 -32.61
C GLY A 96 1.37 -3.92 -33.39
N GLN A 97 0.49 -3.24 -34.10
CA GLN A 97 0.84 -2.08 -34.93
C GLN A 97 1.15 -0.81 -34.15
N THR A 98 1.40 -0.91 -32.85
CA THR A 98 1.67 0.30 -32.07
C THR A 98 2.68 0.14 -30.94
N LEU A 99 2.66 -1.01 -30.28
CA LEU A 99 3.57 -1.27 -29.17
C LEU A 99 4.52 -2.38 -29.55
N PRO A 100 5.36 -2.16 -30.57
CA PRO A 100 6.32 -3.17 -31.03
C PRO A 100 7.26 -3.69 -29.95
N ALA A 101 7.51 -2.86 -28.94
CA ALA A 101 8.43 -3.22 -27.86
C ALA A 101 7.75 -3.62 -26.56
N LEU A 102 6.46 -3.92 -26.62
CA LEU A 102 5.71 -4.30 -25.44
C LEU A 102 6.12 -5.69 -24.94
N THR A 103 6.56 -5.81 -23.69
CA THR A 103 6.93 -7.11 -23.17
C THR A 103 5.89 -7.62 -22.18
N VAL A 104 5.09 -6.72 -21.61
CA VAL A 104 4.07 -7.11 -20.66
C VAL A 104 2.76 -6.42 -20.98
N LEU A 105 1.69 -7.21 -21.01
CA LEU A 105 0.36 -6.70 -21.30
C LEU A 105 -0.64 -7.36 -20.38
N ASP A 106 -1.36 -6.55 -19.60
CA ASP A 106 -2.37 -7.09 -18.71
C ASP A 106 -3.74 -6.54 -19.06
N VAL A 107 -4.66 -7.42 -19.38
CA VAL A 107 -6.02 -7.01 -19.73
C VAL A 107 -7.00 -7.84 -18.89
N SER A 108 -6.62 -8.08 -17.64
CA SER A 108 -7.44 -8.85 -16.73
C SER A 108 -8.75 -8.13 -16.38
N PHE A 109 -9.57 -8.82 -15.61
CA PHE A 109 -10.86 -8.33 -15.17
C PHE A 109 -11.46 -7.23 -16.02
N ASN A 110 -11.73 -7.59 -17.27
CA ASN A 110 -12.36 -6.70 -18.21
C ASN A 110 -13.59 -7.48 -18.64
N ARG A 111 -14.16 -7.15 -19.78
CA ARG A 111 -15.36 -7.86 -20.22
C ARG A 111 -15.13 -8.62 -21.51
N LEU A 112 -14.07 -9.40 -21.56
CA LEU A 112 -13.74 -10.17 -22.74
C LEU A 112 -14.47 -11.52 -22.75
N THR A 113 -14.98 -11.91 -23.91
CA THR A 113 -15.68 -13.19 -24.01
C THR A 113 -14.97 -14.04 -25.08
N SER A 114 -14.03 -13.43 -25.78
CA SER A 114 -13.27 -14.13 -26.80
C SER A 114 -12.06 -13.32 -27.23
N LEU A 115 -11.24 -13.88 -28.13
CA LEU A 115 -10.06 -13.18 -28.61
C LEU A 115 -10.01 -13.33 -30.13
N PRO A 116 -9.63 -12.26 -30.85
CA PRO A 116 -9.52 -12.20 -32.31
C PRO A 116 -8.43 -13.11 -32.89
N LEU A 117 -8.49 -13.37 -34.19
CA LEU A 117 -7.51 -14.23 -34.86
C LEU A 117 -6.09 -13.67 -34.92
N GLY A 118 -5.93 -12.36 -34.89
CA GLY A 118 -4.59 -11.82 -34.96
C GLY A 118 -4.19 -11.11 -33.68
N ALA A 119 -5.05 -11.22 -32.68
CA ALA A 119 -4.88 -10.60 -31.37
C ALA A 119 -3.47 -10.15 -30.99
N LEU A 120 -2.52 -11.06 -31.06
CA LEU A 120 -1.16 -10.74 -30.65
C LEU A 120 -0.13 -10.53 -31.77
N ARG A 121 -0.56 -10.44 -33.02
CA ARG A 121 0.37 -10.22 -34.11
C ARG A 121 1.21 -8.98 -33.82
N GLY A 122 2.49 -9.05 -34.16
CA GLY A 122 3.36 -7.92 -33.93
C GLY A 122 3.94 -7.86 -32.52
N LEU A 123 3.23 -8.44 -31.56
CA LEU A 123 3.67 -8.44 -30.18
C LEU A 123 4.76 -9.48 -29.91
N GLY A 124 5.80 -9.47 -30.72
CA GLY A 124 6.87 -10.44 -30.60
C GLY A 124 7.87 -10.27 -29.49
N GLU A 125 7.72 -9.24 -28.67
CA GLU A 125 8.66 -9.05 -27.58
C GLU A 125 7.97 -9.42 -26.27
N LEU A 126 6.72 -9.83 -26.37
CA LEU A 126 5.93 -10.18 -25.19
C LEU A 126 6.54 -11.26 -24.33
N GLN A 127 6.57 -11.00 -23.03
CA GLN A 127 7.12 -11.95 -22.07
C GLN A 127 6.06 -12.29 -21.02
N GLU A 128 5.02 -11.47 -20.95
CA GLU A 128 3.93 -11.69 -20.00
C GLU A 128 2.55 -11.27 -20.55
N LEU A 129 1.58 -12.14 -20.35
CA LEU A 129 0.22 -11.88 -20.78
C LEU A 129 -0.75 -12.21 -19.64
N TYR A 130 -1.50 -11.22 -19.18
CA TYR A 130 -2.45 -11.46 -18.10
C TYR A 130 -3.86 -11.20 -18.58
N LEU A 131 -4.67 -12.26 -18.63
CA LEU A 131 -6.05 -12.17 -19.08
C LEU A 131 -7.01 -12.81 -18.09
N LYS A 132 -6.58 -12.87 -16.83
CA LYS A 132 -7.39 -13.44 -15.77
C LYS A 132 -8.60 -12.58 -15.43
N GLY A 133 -9.72 -13.23 -15.13
CA GLY A 133 -10.89 -12.49 -14.75
C GLY A 133 -11.86 -12.08 -15.83
N ASN A 134 -11.70 -12.60 -17.03
CA ASN A 134 -12.63 -12.27 -18.10
C ASN A 134 -13.57 -13.45 -18.20
N GLU A 135 -14.23 -13.62 -19.34
CA GLU A 135 -15.17 -14.73 -19.49
C GLU A 135 -14.86 -15.53 -20.74
N LEU A 136 -13.57 -15.76 -20.98
CA LEU A 136 -13.14 -16.52 -22.15
C LEU A 136 -13.66 -17.94 -22.00
N LYS A 137 -14.21 -18.49 -23.08
CA LYS A 137 -14.73 -19.85 -23.06
C LYS A 137 -13.93 -20.67 -24.05
N THR A 138 -13.18 -19.97 -24.90
CA THR A 138 -12.35 -20.63 -25.91
C THR A 138 -11.23 -19.74 -26.43
N LEU A 139 -10.12 -20.36 -26.80
CA LEU A 139 -8.97 -19.64 -27.31
C LEU A 139 -8.76 -19.88 -28.79
N PRO A 140 -8.20 -18.89 -29.52
CA PRO A 140 -7.94 -19.00 -30.95
C PRO A 140 -6.79 -19.96 -31.20
N PRO A 141 -6.72 -20.54 -32.40
CA PRO A 141 -5.69 -21.50 -32.80
C PRO A 141 -4.23 -21.18 -32.46
N GLY A 142 -3.64 -20.26 -33.21
CA GLY A 142 -2.25 -19.92 -32.98
C GLY A 142 -2.03 -18.65 -32.18
N LEU A 143 -2.94 -18.38 -31.24
CA LEU A 143 -2.87 -17.20 -30.39
C LEU A 143 -1.46 -16.80 -30.00
N LEU A 144 -0.75 -17.71 -29.37
CA LEU A 144 0.60 -17.42 -28.91
C LEU A 144 1.75 -17.58 -29.92
N THR A 145 1.44 -17.74 -31.19
CA THR A 145 2.51 -17.89 -32.17
C THR A 145 3.37 -16.63 -32.25
N PRO A 146 2.74 -15.44 -32.30
CA PRO A 146 3.46 -14.17 -32.35
C PRO A 146 4.30 -13.90 -31.11
N THR A 147 4.04 -14.64 -30.04
CA THR A 147 4.77 -14.44 -28.81
C THR A 147 5.53 -15.69 -28.40
N PRO A 148 6.65 -15.97 -29.08
CA PRO A 148 7.52 -17.13 -28.84
C PRO A 148 8.43 -16.95 -27.64
N LYS A 149 8.52 -15.71 -27.18
CA LYS A 149 9.36 -15.38 -26.04
C LYS A 149 8.51 -15.28 -24.77
N LEU A 150 7.30 -15.82 -24.77
CA LEU A 150 6.47 -15.70 -23.59
C LEU A 150 6.97 -16.49 -22.40
N GLU A 151 6.90 -15.88 -21.23
CA GLU A 151 7.35 -16.51 -20.00
C GLU A 151 6.20 -16.82 -19.03
N LYS A 152 5.25 -15.89 -18.93
CA LYS A 152 4.10 -16.06 -18.04
C LYS A 152 2.80 -15.83 -18.78
N LEU A 153 1.81 -16.68 -18.51
CA LEU A 153 0.50 -16.60 -19.14
C LEU A 153 -0.59 -16.86 -18.10
N SER A 154 -1.57 -15.98 -18.02
CA SER A 154 -2.64 -16.14 -17.04
C SER A 154 -4.02 -16.14 -17.69
N LEU A 155 -4.70 -17.28 -17.61
CA LEU A 155 -6.04 -17.44 -18.16
C LEU A 155 -6.93 -17.93 -17.05
N ALA A 156 -6.52 -17.60 -15.83
CA ALA A 156 -7.23 -18.00 -14.63
C ALA A 156 -8.57 -17.29 -14.49
N ASN A 157 -9.51 -17.98 -13.86
CA ASN A 157 -10.81 -17.45 -13.59
C ASN A 157 -11.59 -16.94 -14.78
N ASN A 158 -11.75 -17.81 -15.76
CA ASN A 158 -12.51 -17.47 -16.95
C ASN A 158 -13.60 -18.53 -16.97
N ASN A 159 -13.93 -19.02 -18.16
CA ASN A 159 -14.95 -20.04 -18.31
C ASN A 159 -14.47 -21.02 -19.36
N LEU A 160 -13.15 -21.18 -19.47
CA LEU A 160 -12.58 -22.07 -20.47
C LEU A 160 -12.96 -23.52 -20.20
N THR A 161 -13.39 -24.21 -21.24
CA THR A 161 -13.79 -25.61 -21.14
C THR A 161 -12.74 -26.54 -21.77
N GLU A 162 -12.03 -26.00 -22.76
CA GLU A 162 -10.98 -26.73 -23.47
C GLU A 162 -9.88 -25.77 -23.89
N LEU A 163 -8.70 -26.33 -24.12
CA LEU A 163 -7.53 -25.57 -24.52
C LEU A 163 -7.03 -26.15 -25.84
N PRO A 164 -6.50 -25.28 -26.72
CA PRO A 164 -5.98 -25.74 -28.03
C PRO A 164 -4.81 -26.69 -27.77
N ALA A 165 -4.71 -27.77 -28.53
CA ALA A 165 -3.62 -28.73 -28.30
C ALA A 165 -2.22 -28.13 -28.43
N GLY A 166 -2.08 -27.11 -29.26
CA GLY A 166 -0.77 -26.52 -29.44
C GLY A 166 -0.62 -25.15 -28.82
N LEU A 167 -1.51 -24.80 -27.90
CA LEU A 167 -1.43 -23.48 -27.27
C LEU A 167 -0.03 -23.13 -26.80
N LEU A 168 0.71 -24.12 -26.31
CA LEU A 168 2.05 -23.86 -25.81
C LEU A 168 3.17 -24.12 -26.79
N ASN A 169 2.85 -24.72 -27.93
CA ASN A 169 3.84 -25.02 -28.95
C ASN A 169 4.75 -23.85 -29.30
N GLY A 170 6.04 -24.03 -29.05
CA GLY A 170 7.01 -23.00 -29.38
C GLY A 170 7.55 -22.22 -28.22
N LEU A 171 6.74 -22.06 -27.18
CA LEU A 171 7.11 -21.31 -25.99
C LEU A 171 8.10 -22.07 -25.11
N GLU A 172 9.39 -21.97 -25.41
CA GLU A 172 10.41 -22.68 -24.65
C GLU A 172 10.89 -21.91 -23.42
N ASN A 173 10.38 -20.70 -23.23
CA ASN A 173 10.73 -19.87 -22.09
C ASN A 173 9.62 -19.83 -21.05
N LEU A 174 8.47 -20.40 -21.37
CA LEU A 174 7.34 -20.38 -20.46
C LEU A 174 7.71 -20.96 -19.10
N ASP A 175 7.37 -20.25 -18.02
CA ASP A 175 7.67 -20.74 -16.68
C ASP A 175 6.49 -20.71 -15.71
N THR A 176 5.50 -19.86 -16.00
CA THR A 176 4.32 -19.78 -15.14
C THR A 176 3.06 -19.88 -15.98
N LEU A 177 2.18 -20.83 -15.64
CA LEU A 177 0.94 -20.99 -16.37
C LEU A 177 -0.22 -21.07 -15.39
N LEU A 178 -1.06 -20.04 -15.38
CA LEU A 178 -2.19 -20.03 -14.46
C LEU A 178 -3.50 -20.30 -15.18
N LEU A 179 -4.04 -21.51 -15.00
CA LEU A 179 -5.30 -21.91 -15.63
C LEU A 179 -6.32 -22.34 -14.59
N GLN A 180 -6.11 -21.93 -13.34
CA GLN A 180 -7.01 -22.28 -12.24
C GLN A 180 -8.37 -21.61 -12.35
N GLU A 181 -9.37 -22.17 -11.67
CA GLU A 181 -10.70 -21.58 -11.67
C GLU A 181 -11.34 -21.46 -13.05
N ASN A 182 -11.26 -22.52 -13.85
CA ASN A 182 -11.86 -22.51 -15.17
C ASN A 182 -12.86 -23.64 -15.21
N SER A 183 -13.18 -24.10 -16.42
CA SER A 183 -14.12 -25.18 -16.56
C SER A 183 -13.49 -26.28 -17.40
N LEU A 184 -12.18 -26.40 -17.29
CA LEU A 184 -11.43 -27.39 -18.04
C LEU A 184 -11.72 -28.81 -17.59
N TYR A 185 -11.89 -29.71 -18.57
CA TYR A 185 -12.19 -31.11 -18.32
C TYR A 185 -11.05 -32.06 -18.66
N THR A 186 -10.15 -31.62 -19.55
CA THR A 186 -9.04 -32.47 -19.97
C THR A 186 -7.86 -31.71 -20.60
N ILE A 187 -6.75 -32.41 -20.77
CA ILE A 187 -5.58 -31.79 -21.38
C ILE A 187 -5.23 -32.64 -22.59
N PRO A 188 -5.17 -32.03 -23.80
CA PRO A 188 -4.84 -32.77 -25.01
C PRO A 188 -3.50 -33.49 -24.89
N LYS A 189 -3.39 -34.67 -25.49
CA LYS A 189 -2.14 -35.43 -25.43
C LYS A 189 -0.98 -34.54 -25.84
N GLY A 190 0.13 -34.62 -25.10
CA GLY A 190 1.31 -33.83 -25.41
C GLY A 190 1.12 -32.32 -25.36
N PHE A 191 0.22 -31.86 -24.50
CA PHE A 191 -0.06 -30.43 -24.37
C PHE A 191 1.11 -29.68 -23.76
N PHE A 192 1.71 -30.22 -22.70
CA PHE A 192 2.83 -29.56 -22.05
C PHE A 192 4.11 -29.80 -22.83
N GLY A 193 4.05 -30.73 -23.76
CA GLY A 193 5.23 -31.04 -24.54
C GLY A 193 6.28 -31.67 -23.67
N SER A 194 7.54 -31.31 -23.91
CA SER A 194 8.67 -31.86 -23.15
C SER A 194 9.34 -30.73 -22.42
N HIS A 195 8.75 -29.55 -22.53
CA HIS A 195 9.29 -28.36 -21.90
C HIS A 195 9.12 -28.50 -20.40
N LEU A 196 9.88 -27.72 -19.65
CA LEU A 196 9.81 -27.76 -18.20
C LEU A 196 9.01 -26.58 -17.66
N LEU A 197 7.81 -26.85 -17.15
CA LEU A 197 6.96 -25.79 -16.61
C LEU A 197 7.07 -25.74 -15.09
N PRO A 198 7.85 -24.78 -14.58
CA PRO A 198 8.06 -24.60 -13.14
C PRO A 198 6.79 -24.31 -12.34
N PHE A 199 5.97 -23.38 -12.80
CA PHE A 199 4.76 -23.04 -12.06
C PHE A 199 3.48 -23.19 -12.88
N ALA A 200 2.75 -24.27 -12.61
CA ALA A 200 1.50 -24.54 -13.28
C ALA A 200 0.37 -24.62 -12.27
N PHE A 201 -0.62 -23.76 -12.45
CA PHE A 201 -1.77 -23.73 -11.57
C PHE A 201 -2.94 -24.35 -12.32
N LEU A 202 -3.39 -25.51 -11.85
CA LEU A 202 -4.47 -26.22 -12.50
C LEU A 202 -5.63 -26.64 -11.59
N HIS A 203 -5.71 -26.07 -10.40
CA HIS A 203 -6.79 -26.42 -9.48
C HIS A 203 -8.06 -25.67 -9.83
N GLY A 204 -9.14 -25.98 -9.12
CA GLY A 204 -10.39 -25.30 -9.37
C GLY A 204 -11.08 -25.65 -10.66
N ASN A 205 -10.64 -26.72 -11.33
CA ASN A 205 -11.25 -27.15 -12.59
C ASN A 205 -12.00 -28.47 -12.40
N PRO A 206 -13.08 -28.67 -13.16
CA PRO A 206 -13.87 -29.90 -13.04
C PRO A 206 -13.34 -31.10 -13.85
N TRP A 207 -12.02 -31.26 -13.89
CA TRP A 207 -11.37 -32.34 -14.64
C TRP A 207 -12.15 -33.64 -14.77
N LEU A 208 -12.30 -34.15 -15.99
CA LEU A 208 -13.02 -35.41 -16.21
C LEU A 208 -12.03 -36.55 -16.22
N CYS A 209 -12.03 -37.34 -15.17
CA CYS A 209 -11.10 -38.46 -15.05
C CYS A 209 -11.60 -39.71 -15.73
N ASN A 210 -11.34 -39.75 -17.03
CA ASN A 210 -11.67 -40.86 -17.88
C ASN A 210 -10.35 -41.21 -18.53
N CYS A 211 -10.31 -42.26 -19.34
CA CYS A 211 -9.05 -42.66 -19.95
C CYS A 211 -8.31 -41.54 -20.65
N GLU A 212 -9.07 -40.62 -21.24
CA GLU A 212 -8.49 -39.50 -21.97
C GLU A 212 -7.86 -38.46 -21.05
N ILE A 213 -7.63 -38.83 -19.78
CA ILE A 213 -6.99 -37.93 -18.83
C ILE A 213 -5.75 -38.60 -18.27
N LEU A 214 -5.30 -39.68 -18.91
CA LEU A 214 -4.11 -40.38 -18.45
C LEU A 214 -2.83 -39.63 -18.82
N TYR A 215 -2.88 -38.83 -19.88
CA TYR A 215 -1.73 -38.03 -20.27
C TYR A 215 -1.45 -37.05 -19.16
N PHE A 216 -2.49 -36.30 -18.82
CA PHE A 216 -2.40 -35.28 -17.78
C PHE A 216 -1.96 -35.93 -16.48
N ARG A 217 -2.49 -37.12 -16.19
CA ARG A 217 -2.12 -37.83 -14.97
C ARG A 217 -0.62 -38.08 -14.87
N ARG A 218 -0.03 -38.68 -15.90
CA ARG A 218 1.40 -38.93 -15.88
C ARG A 218 2.14 -37.61 -15.71
N TRP A 219 1.72 -36.59 -16.45
CA TRP A 219 2.36 -35.29 -16.37
C TRP A 219 2.34 -34.82 -14.94
N LEU A 220 1.14 -34.86 -14.35
CA LEU A 220 0.94 -34.45 -12.98
C LEU A 220 1.97 -35.13 -12.09
N GLN A 221 2.19 -36.42 -12.32
CA GLN A 221 3.15 -37.16 -11.52
C GLN A 221 4.56 -36.67 -11.79
N ASP A 222 4.95 -36.62 -13.07
CA ASP A 222 6.27 -36.15 -13.46
C ASP A 222 6.56 -34.75 -12.96
N ASN A 223 5.51 -33.94 -12.87
CA ASN A 223 5.65 -32.55 -12.45
C ASN A 223 4.93 -32.18 -11.17
N ALA A 224 4.58 -33.18 -10.35
CA ALA A 224 3.87 -32.92 -9.12
C ALA A 224 4.58 -31.85 -8.30
N GLU A 225 5.89 -31.75 -8.50
CA GLU A 225 6.70 -30.78 -7.77
C GLU A 225 6.50 -29.37 -8.33
N ASN A 226 5.80 -29.25 -9.45
CA ASN A 226 5.59 -27.95 -10.08
C ASN A 226 4.14 -27.46 -10.06
N VAL A 227 3.24 -28.20 -9.41
CA VAL A 227 1.84 -27.80 -9.36
C VAL A 227 1.51 -27.11 -8.04
N TYR A 228 1.08 -25.86 -8.13
CA TYR A 228 0.75 -25.07 -6.95
C TYR A 228 -0.70 -24.61 -6.93
N VAL A 229 -1.10 -24.08 -5.79
CA VAL A 229 -2.43 -23.53 -5.59
C VAL A 229 -2.26 -22.02 -5.45
N TRP A 230 -3.15 -21.27 -6.11
CA TRP A 230 -3.08 -19.82 -6.06
C TRP A 230 -3.45 -19.28 -4.70
N LYS A 231 -2.72 -18.25 -4.28
CA LYS A 231 -2.98 -17.58 -3.01
C LYS A 231 -3.06 -16.11 -3.39
N GLN A 232 -4.27 -15.55 -3.29
CA GLN A 232 -4.47 -14.15 -3.63
C GLN A 232 -3.62 -13.30 -2.70
N GLY A 233 -3.00 -12.27 -3.28
CA GLY A 233 -2.12 -11.44 -2.50
C GLY A 233 -0.81 -12.15 -2.68
N VAL A 234 -0.81 -12.99 -3.72
CA VAL A 234 0.32 -13.81 -4.14
C VAL A 234 1.58 -13.56 -3.34
N ASP A 235 2.12 -14.65 -2.82
CA ASP A 235 3.30 -14.61 -1.99
C ASP A 235 4.42 -15.20 -2.84
N VAL A 236 4.52 -14.72 -4.08
CA VAL A 236 5.50 -15.20 -5.02
C VAL A 236 5.37 -16.72 -5.15
N LYS A 237 4.41 -17.29 -4.42
CA LYS A 237 4.14 -18.73 -4.42
C LYS A 237 5.41 -19.52 -4.71
N ALA A 238 6.50 -19.12 -4.07
CA ALA A 238 7.78 -19.77 -4.28
C ALA A 238 8.15 -20.69 -3.14
N MET A 239 7.45 -21.82 -3.05
CA MET A 239 7.66 -22.85 -2.04
C MET A 239 6.41 -23.69 -1.78
N THR A 240 6.65 -24.99 -1.67
CA THR A 240 5.64 -26.01 -1.40
C THR A 240 4.53 -26.09 -2.46
N SER A 241 4.48 -27.24 -3.12
CA SER A 241 3.50 -27.47 -4.15
C SER A 241 2.33 -28.24 -3.57
N ASN A 242 1.40 -28.65 -4.41
CA ASN A 242 0.22 -29.36 -3.97
C ASN A 242 -0.42 -29.92 -5.25
N VAL A 243 0.15 -31.00 -5.76
CA VAL A 243 -0.34 -31.63 -6.97
C VAL A 243 -1.67 -32.29 -6.71
N ALA A 244 -2.02 -32.45 -5.44
CA ALA A 244 -3.28 -33.08 -5.07
C ALA A 244 -4.41 -32.07 -5.17
N SER A 245 -4.09 -30.84 -5.58
CA SER A 245 -5.09 -29.79 -5.74
C SER A 245 -5.81 -29.96 -7.07
N VAL A 246 -5.13 -30.57 -8.03
CA VAL A 246 -5.73 -30.84 -9.35
C VAL A 246 -6.59 -32.06 -9.07
N GLN A 247 -7.90 -31.94 -9.19
CA GLN A 247 -8.77 -33.05 -8.83
C GLN A 247 -9.95 -33.37 -9.76
N CYS A 248 -10.33 -34.64 -9.77
CA CYS A 248 -11.42 -35.11 -10.62
C CYS A 248 -12.72 -34.48 -10.19
N ASP A 249 -13.30 -33.65 -11.04
CA ASP A 249 -14.56 -33.00 -10.73
C ASP A 249 -14.45 -32.05 -9.53
N ASN A 250 -13.23 -31.63 -9.21
CA ASN A 250 -13.02 -30.74 -8.09
C ASN A 250 -13.32 -31.44 -6.75
N SER A 251 -13.27 -32.76 -6.73
CA SER A 251 -13.51 -33.51 -5.50
C SER A 251 -12.16 -33.68 -4.79
N ASP A 252 -12.00 -32.99 -3.66
CA ASP A 252 -10.77 -33.03 -2.90
C ASP A 252 -10.28 -34.43 -2.60
N LYS A 253 -11.20 -35.35 -2.35
CA LYS A 253 -10.82 -36.74 -2.06
C LYS A 253 -10.44 -37.58 -3.27
N PHE A 254 -10.44 -36.98 -4.46
CA PHE A 254 -10.08 -37.73 -5.67
C PHE A 254 -9.11 -37.01 -6.60
N PRO A 255 -7.89 -36.75 -6.12
CA PRO A 255 -6.89 -36.09 -6.95
C PRO A 255 -6.59 -36.90 -8.23
N VAL A 256 -6.35 -36.18 -9.32
CA VAL A 256 -6.07 -36.79 -10.61
C VAL A 256 -4.84 -37.68 -10.64
N TYR A 257 -3.74 -37.25 -10.04
CA TYR A 257 -2.53 -38.08 -10.08
C TYR A 257 -2.73 -39.43 -9.42
N LYS A 258 -3.81 -39.59 -8.67
CA LYS A 258 -4.10 -40.87 -8.02
C LYS A 258 -5.23 -41.59 -8.74
N TYR A 259 -5.73 -40.98 -9.80
CA TYR A 259 -6.81 -41.56 -10.61
C TYR A 259 -6.37 -42.92 -11.12
N PRO A 260 -7.15 -43.97 -10.83
CA PRO A 260 -6.87 -45.36 -11.23
C PRO A 260 -6.84 -45.58 -12.73
N GLY A 261 -7.91 -45.21 -13.40
CA GLY A 261 -7.96 -45.42 -14.81
C GLY A 261 -8.19 -46.90 -15.02
N LYS A 262 -9.09 -47.45 -14.24
CA LYS A 262 -9.41 -48.87 -14.35
C LYS A 262 -10.02 -49.15 -15.72
N GLY A 263 -9.41 -50.09 -16.44
CA GLY A 263 -9.92 -50.45 -17.75
C GLY A 263 -9.57 -49.48 -18.84
N CYS A 264 -8.41 -48.85 -18.72
CA CYS A 264 -7.92 -47.88 -19.70
C CYS A 264 -6.71 -48.48 -20.40
N PRO A 265 -6.44 -48.05 -21.65
CA PRO A 265 -5.27 -48.58 -22.36
C PRO A 265 -3.99 -47.96 -21.81
N THR A 266 -2.84 -48.54 -22.15
CA THR A 266 -1.56 -48.05 -21.67
C THR A 266 -1.11 -46.79 -22.41
N HIS B 1 -6.62 30.52 46.72
CA HIS B 1 -6.45 29.72 45.48
C HIS B 1 -7.65 29.83 44.52
N PRO B 2 -8.89 29.66 45.03
CA PRO B 2 -10.09 29.73 44.20
C PRO B 2 -10.20 30.85 43.17
N ILE B 3 -10.05 30.44 41.92
CA ILE B 3 -10.14 31.25 40.71
C ILE B 3 -10.38 30.07 39.78
N CYS B 4 -9.77 28.96 40.18
CA CYS B 4 -9.84 27.71 39.47
C CYS B 4 -10.32 26.66 40.47
N GLU B 5 -10.88 25.56 39.97
CA GLU B 5 -11.33 24.47 40.84
C GLU B 5 -10.02 23.86 41.37
N VAL B 6 -10.06 23.20 42.52
CA VAL B 6 -8.85 22.64 43.10
C VAL B 6 -9.03 21.30 43.80
N SER B 7 -9.56 20.29 43.12
CA SER B 7 -9.74 18.99 43.77
C SER B 7 -8.42 18.44 44.32
N LYS B 8 -8.31 18.41 45.65
CA LYS B 8 -7.11 17.91 46.32
C LYS B 8 -6.90 16.42 46.06
N VAL B 9 -7.03 15.62 47.12
CA VAL B 9 -6.89 14.17 47.04
C VAL B 9 -5.43 13.68 46.96
N ALA B 10 -5.19 12.50 47.51
CA ALA B 10 -3.88 11.83 47.54
C ALA B 10 -2.62 12.70 47.47
N SER B 11 -2.38 13.47 48.53
CA SER B 11 -1.24 14.37 48.69
C SER B 11 -1.09 15.40 47.58
N HIS B 12 -1.31 14.98 46.34
CA HIS B 12 -1.23 15.86 45.17
C HIS B 12 -2.45 16.76 45.14
N LEU B 13 -2.58 17.53 44.06
CA LEU B 13 -3.73 18.40 43.89
C LEU B 13 -3.86 18.87 42.43
N GLU B 14 -4.97 18.49 41.82
CA GLU B 14 -5.25 18.86 40.44
C GLU B 14 -5.93 20.22 40.46
N VAL B 15 -5.48 21.13 39.62
CA VAL B 15 -6.07 22.46 39.55
C VAL B 15 -6.66 22.68 38.17
N ASN B 16 -7.95 23.03 38.15
CA ASN B 16 -8.66 23.25 36.91
C ASN B 16 -8.95 24.71 36.61
N CYS B 17 -8.12 25.33 35.78
CA CYS B 17 -8.32 26.74 35.41
C CYS B 17 -8.92 26.88 34.01
N ASP B 18 -9.59 25.84 33.55
CA ASP B 18 -10.19 25.86 32.23
C ASP B 18 -11.30 26.86 32.13
N LYS B 19 -11.36 27.58 31.01
CA LYS B 19 -12.43 28.55 30.80
C LYS B 19 -12.66 29.55 31.95
N ARG B 20 -11.66 30.37 32.24
CA ARG B 20 -11.78 31.38 33.29
C ARG B 20 -11.42 32.73 32.69
N ASN B 21 -11.52 32.84 31.37
CA ASN B 21 -11.18 34.08 30.69
C ASN B 21 -9.84 34.59 31.18
N LEU B 22 -8.93 33.67 31.46
CA LEU B 22 -7.59 33.98 31.94
C LEU B 22 -6.70 34.31 30.74
N THR B 23 -6.16 35.53 30.72
CA THR B 23 -5.29 35.97 29.64
C THR B 23 -3.82 35.73 30.01
N ALA B 24 -3.62 35.21 31.22
CA ALA B 24 -2.28 34.90 31.70
C ALA B 24 -2.38 33.98 32.89
N LEU B 25 -1.24 33.52 33.39
CA LEU B 25 -1.21 32.61 34.54
C LEU B 25 -1.85 33.26 35.77
N PRO B 26 -2.79 32.55 36.41
CA PRO B 26 -3.49 33.02 37.61
C PRO B 26 -2.59 33.36 38.79
N PRO B 27 -2.58 34.63 39.23
CA PRO B 27 -1.74 34.96 40.37
C PRO B 27 -2.39 34.26 41.55
N ASP B 28 -1.56 33.64 42.40
CA ASP B 28 -2.04 32.91 43.57
C ASP B 28 -2.61 31.56 43.12
N LEU B 29 -1.74 30.55 43.15
CA LEU B 29 -2.11 29.20 42.75
C LEU B 29 -1.32 28.28 43.69
N PRO B 30 -1.97 27.28 44.31
CA PRO B 30 -1.25 26.38 45.21
C PRO B 30 0.18 26.18 44.78
N LYS B 31 1.14 26.53 45.65
CA LYS B 31 2.55 26.38 45.32
C LYS B 31 3.05 24.95 45.28
N ASP B 32 2.17 23.99 45.54
CA ASP B 32 2.57 22.59 45.47
C ASP B 32 1.70 21.83 44.45
N THR B 33 1.21 22.56 43.46
CA THR B 33 0.35 21.99 42.42
C THR B 33 1.10 20.92 41.61
N THR B 34 0.36 19.89 41.17
CA THR B 34 0.97 18.80 40.40
C THR B 34 0.43 18.70 38.98
N ILE B 35 -0.79 19.19 38.76
CA ILE B 35 -1.46 19.16 37.45
C ILE B 35 -2.20 20.45 37.16
N LEU B 36 -1.71 21.25 36.22
CA LEU B 36 -2.36 22.52 35.91
C LEU B 36 -3.13 22.50 34.57
N HIS B 37 -4.41 22.84 34.62
CA HIS B 37 -5.24 22.86 33.43
C HIS B 37 -5.54 24.29 33.04
N LEU B 38 -4.95 24.76 31.95
CA LEU B 38 -5.17 26.12 31.47
C LEU B 38 -5.85 26.13 30.12
N SER B 39 -6.61 25.09 29.84
CA SER B 39 -7.30 24.95 28.57
C SER B 39 -8.43 25.97 28.43
N GLU B 40 -8.79 26.27 27.18
CA GLU B 40 -9.87 27.21 26.90
C GLU B 40 -9.71 28.59 27.55
N ASN B 41 -8.53 29.18 27.39
CA ASN B 41 -8.27 30.52 27.89
C ASN B 41 -7.65 31.26 26.70
N LEU B 42 -7.45 32.57 26.84
CA LEU B 42 -6.87 33.32 25.76
C LEU B 42 -5.45 33.74 26.11
N LEU B 43 -4.58 32.75 26.24
CA LEU B 43 -3.17 32.97 26.56
C LEU B 43 -2.46 33.02 25.23
N TYR B 44 -2.84 33.98 24.40
CA TYR B 44 -2.24 34.14 23.09
C TYR B 44 -0.74 33.91 23.15
N THR B 45 -0.16 34.13 24.32
CA THR B 45 1.27 33.95 24.51
C THR B 45 1.57 33.45 25.93
N PHE B 46 2.50 32.51 26.06
CA PHE B 46 2.83 31.96 27.37
C PHE B 46 4.32 31.81 27.59
N SER B 47 4.71 31.82 28.87
CA SER B 47 6.10 31.70 29.26
C SER B 47 6.30 30.60 30.30
N LEU B 48 6.85 29.48 29.86
CA LEU B 48 7.10 28.36 30.75
C LEU B 48 7.82 28.80 32.00
N ALA B 49 8.72 29.76 31.82
CA ALA B 49 9.50 30.28 32.92
C ALA B 49 8.66 30.64 34.13
N THR B 50 7.53 31.31 33.91
CA THR B 50 6.69 31.74 35.04
C THR B 50 6.09 30.59 35.82
N LEU B 51 6.53 29.37 35.52
CA LEU B 51 6.04 28.21 36.24
C LEU B 51 7.06 27.74 37.29
N MET B 52 8.28 28.29 37.22
CA MET B 52 9.36 27.93 38.16
C MET B 52 8.90 27.63 39.60
N PRO B 53 8.03 28.48 40.17
CA PRO B 53 7.52 28.29 41.54
C PRO B 53 6.74 27.00 41.81
N TYR B 54 6.34 26.30 40.77
CA TYR B 54 5.57 25.10 40.99
C TYR B 54 6.40 23.86 40.73
N THR B 55 7.31 23.62 41.67
CA THR B 55 8.26 22.51 41.65
C THR B 55 7.64 21.13 41.61
N ARG B 56 6.34 21.03 41.89
CA ARG B 56 5.67 19.75 41.86
C ARG B 56 4.86 19.58 40.57
N LEU B 57 4.99 20.56 39.66
CA LEU B 57 4.26 20.53 38.41
C LEU B 57 4.75 19.44 37.45
N THR B 58 3.96 18.38 37.31
CA THR B 58 4.33 17.28 36.44
C THR B 58 3.46 17.18 35.19
N GLN B 59 2.43 18.02 35.11
CA GLN B 59 1.53 17.98 33.96
C GLN B 59 0.88 19.35 33.72
N LEU B 60 1.01 19.85 32.50
CA LEU B 60 0.47 21.16 32.15
C LEU B 60 -0.35 21.10 30.85
N ASN B 61 -1.55 21.65 30.89
CA ASN B 61 -2.41 21.66 29.70
C ASN B 61 -2.61 23.09 29.21
N LEU B 62 -2.00 23.41 28.07
CA LEU B 62 -2.11 24.73 27.48
C LEU B 62 -2.96 24.65 26.22
N ASP B 63 -3.71 23.56 26.09
CA ASP B 63 -4.55 23.32 24.93
C ASP B 63 -5.73 24.27 24.77
N ARG B 64 -6.14 24.44 23.51
CA ARG B 64 -7.26 25.30 23.17
C ARG B 64 -7.12 26.70 23.78
N ALA B 65 -5.93 27.28 23.68
CA ALA B 65 -5.70 28.60 24.25
C ALA B 65 -5.18 29.67 23.29
N GLU B 66 -5.38 29.47 21.99
CA GLU B 66 -4.95 30.44 20.99
C GLU B 66 -3.45 30.65 20.94
N LEU B 67 -2.69 29.77 21.57
CA LEU B 67 -1.24 29.88 21.65
C LEU B 67 -0.45 30.02 20.33
N THR B 68 0.19 31.17 20.12
CA THR B 68 0.97 31.37 18.91
C THR B 68 2.46 31.37 19.22
N LYS B 69 2.81 31.67 20.46
CA LYS B 69 4.21 31.68 20.84
C LYS B 69 4.40 31.20 22.27
N LEU B 70 5.24 30.19 22.45
CA LEU B 70 5.54 29.66 23.77
C LEU B 70 6.99 29.91 24.12
N GLN B 71 7.25 30.96 24.87
CA GLN B 71 8.62 31.27 25.26
C GLN B 71 9.17 30.14 26.12
N VAL B 72 10.30 29.59 25.70
CA VAL B 72 10.92 28.50 26.42
C VAL B 72 12.14 29.04 27.15
N ASP B 73 12.03 29.16 28.46
CA ASP B 73 13.11 29.65 29.30
C ASP B 73 13.59 28.60 30.31
N GLY B 74 13.69 29.05 31.55
CA GLY B 74 14.14 28.24 32.67
C GLY B 74 14.07 26.72 32.62
N THR B 75 13.43 26.15 33.64
CA THR B 75 13.32 24.70 33.71
C THR B 75 12.21 24.22 34.63
N LEU B 76 11.51 23.20 34.17
CA LEU B 76 10.46 22.58 34.96
C LEU B 76 11.05 21.17 35.04
N PRO B 77 12.18 21.05 35.77
CA PRO B 77 12.91 19.79 35.94
C PRO B 77 12.08 18.55 36.23
N VAL B 78 10.81 18.73 36.56
CA VAL B 78 9.98 17.58 36.88
C VAL B 78 8.71 17.47 36.04
N LEU B 79 8.51 18.41 35.12
CA LEU B 79 7.33 18.40 34.26
C LEU B 79 7.44 17.24 33.28
N GLY B 80 6.43 16.38 33.26
CA GLY B 80 6.47 15.23 32.38
C GLY B 80 5.44 15.23 31.27
N THR B 81 4.44 16.10 31.37
CA THR B 81 3.41 16.20 30.35
C THR B 81 3.13 17.64 29.97
N LEU B 82 3.02 17.88 28.66
CA LEU B 82 2.77 19.21 28.14
C LEU B 82 1.85 19.14 26.92
N ASP B 83 0.57 19.43 27.12
CA ASP B 83 -0.39 19.39 26.03
C ASP B 83 -0.60 20.75 25.40
N LEU B 84 -0.07 20.93 24.20
CA LEU B 84 -0.18 22.19 23.47
C LEU B 84 -1.12 22.01 22.29
N SER B 85 -1.98 21.00 22.34
CA SER B 85 -2.87 20.73 21.24
C SER B 85 -3.92 21.81 21.00
N HIS B 86 -4.31 21.96 19.75
CA HIS B 86 -5.32 22.94 19.32
C HIS B 86 -4.96 24.38 19.63
N ASN B 87 -3.83 24.80 19.08
CA ASN B 87 -3.29 26.15 19.24
C ASN B 87 -2.84 26.64 17.86
N GLN B 88 -2.11 27.75 17.83
CA GLN B 88 -1.65 28.33 16.58
C GLN B 88 -0.13 28.45 16.44
N LEU B 89 0.59 27.41 16.87
CA LEU B 89 2.05 27.41 16.77
C LEU B 89 2.45 27.05 15.34
N GLN B 90 3.09 27.99 14.66
CA GLN B 90 3.51 27.79 13.28
C GLN B 90 4.90 27.19 13.22
N SER B 91 5.50 26.95 14.38
CA SER B 91 6.83 26.37 14.44
C SER B 91 6.96 25.57 15.73
N LEU B 92 7.51 24.36 15.64
CA LEU B 92 7.67 23.52 16.82
C LEU B 92 8.61 24.09 17.88
N PRO B 93 8.16 24.10 19.15
CA PRO B 93 8.96 24.61 20.26
C PRO B 93 10.10 23.67 20.56
N LEU B 94 11.28 24.20 20.86
CA LEU B 94 12.43 23.38 21.22
C LEU B 94 12.41 23.27 22.74
N LEU B 95 12.02 22.10 23.24
CA LEU B 95 11.89 21.85 24.67
C LEU B 95 12.98 21.01 25.32
N GLY B 96 13.71 20.26 24.50
CA GLY B 96 14.77 19.39 24.97
C GLY B 96 15.58 19.81 26.18
N GLN B 97 16.04 21.05 26.22
CA GLN B 97 16.84 21.46 27.37
C GLN B 97 16.08 22.29 28.40
N THR B 98 14.77 22.13 28.48
CA THR B 98 14.00 22.86 29.47
C THR B 98 13.04 21.93 30.17
N LEU B 99 12.64 20.87 29.46
CA LEU B 99 11.71 19.88 29.98
C LEU B 99 12.32 18.49 29.92
N PRO B 100 13.53 18.33 30.48
CA PRO B 100 14.27 17.07 30.52
C PRO B 100 13.49 15.86 31.02
N ALA B 101 12.52 16.08 31.89
CA ALA B 101 11.76 14.97 32.43
C ALA B 101 10.50 14.71 31.61
N LEU B 102 10.24 15.55 30.63
CA LEU B 102 9.04 15.39 29.83
C LEU B 102 8.88 14.01 29.20
N THR B 103 7.71 13.40 29.36
CA THR B 103 7.44 12.08 28.78
C THR B 103 6.40 12.13 27.65
N VAL B 104 5.38 12.98 27.80
CA VAL B 104 4.34 13.11 26.78
C VAL B 104 4.34 14.51 26.19
N LEU B 105 4.12 14.60 24.89
CA LEU B 105 4.09 15.89 24.22
C LEU B 105 3.10 15.86 23.08
N ASP B 106 2.19 16.83 23.10
CA ASP B 106 1.18 16.93 22.07
C ASP B 106 1.10 18.34 21.53
N VAL B 107 1.37 18.46 20.23
CA VAL B 107 1.28 19.74 19.56
C VAL B 107 0.42 19.48 18.33
N SER B 108 -0.64 18.71 18.55
CA SER B 108 -1.58 18.38 17.49
C SER B 108 -2.40 19.62 17.16
N PHE B 109 -2.97 19.63 15.96
CA PHE B 109 -3.79 20.75 15.49
C PHE B 109 -3.26 22.14 15.83
N ASN B 110 -2.09 22.42 15.27
CA ASN B 110 -1.41 23.69 15.42
C ASN B 110 -1.16 24.06 13.98
N ARG B 111 -0.12 24.83 13.70
CA ARG B 111 0.13 25.21 12.32
C ARG B 111 1.52 24.84 11.82
N LEU B 112 1.97 23.64 12.23
CA LEU B 112 3.28 23.14 11.84
C LEU B 112 3.29 22.63 10.39
N THR B 113 4.30 23.04 9.65
CA THR B 113 4.45 22.65 8.27
C THR B 113 5.75 21.88 8.07
N SER B 114 6.63 21.94 9.06
CA SER B 114 7.89 21.20 9.03
C SER B 114 8.59 21.18 10.39
N LEU B 115 9.48 20.23 10.58
CA LEU B 115 10.21 20.07 11.85
C LEU B 115 11.67 20.43 11.70
N PRO B 116 12.28 20.98 12.78
CA PRO B 116 13.68 21.39 12.88
C PRO B 116 14.66 20.20 12.92
N LEU B 117 15.95 20.49 12.84
CA LEU B 117 16.95 19.44 12.88
C LEU B 117 17.16 18.80 14.25
N GLY B 118 17.06 19.58 15.31
CA GLY B 118 17.22 18.99 16.62
C GLY B 118 15.92 19.06 17.40
N ALA B 119 14.83 19.16 16.66
CA ALA B 119 13.49 19.25 17.21
C ALA B 119 13.28 18.66 18.60
N LEU B 120 13.77 17.44 18.80
CA LEU B 120 13.58 16.74 20.06
C LEU B 120 14.88 16.50 20.82
N ARG B 121 15.89 17.31 20.52
CA ARG B 121 17.19 17.17 21.18
C ARG B 121 17.08 17.45 22.67
N GLY B 122 17.29 16.41 23.48
CA GLY B 122 17.21 16.59 24.91
C GLY B 122 15.94 16.03 25.51
N LEU B 123 15.01 15.61 24.67
CA LEU B 123 13.76 15.05 25.16
C LEU B 123 13.88 13.54 25.19
N GLY B 124 14.94 13.08 25.85
CA GLY B 124 15.23 11.66 25.93
C GLY B 124 14.34 10.81 26.80
N GLU B 125 13.43 11.43 27.54
CA GLU B 125 12.53 10.65 28.40
C GLU B 125 11.18 10.46 27.73
N LEU B 126 10.98 11.15 26.62
CA LEU B 126 9.74 11.13 25.86
C LEU B 126 9.25 9.71 25.54
N GLN B 127 7.96 9.49 25.73
CA GLN B 127 7.34 8.20 25.47
C GLN B 127 6.10 8.39 24.61
N GLU B 128 5.64 9.62 24.49
CA GLU B 128 4.48 9.96 23.69
C GLU B 128 4.69 11.27 22.93
N LEU B 129 4.40 11.27 21.64
CA LEU B 129 4.54 12.45 20.80
C LEU B 129 3.34 12.54 19.88
N TYR B 130 2.56 13.62 20.01
CA TYR B 130 1.38 13.80 19.18
C TYR B 130 1.44 15.04 18.31
N LEU B 131 1.55 14.82 17.00
CA LEU B 131 1.60 15.87 15.99
C LEU B 131 0.42 15.77 15.01
N LYS B 132 -0.65 15.14 15.47
CA LYS B 132 -1.85 14.95 14.66
C LYS B 132 -2.44 16.26 14.13
N GLY B 133 -2.93 16.20 12.90
CA GLY B 133 -3.58 17.36 12.34
C GLY B 133 -2.87 18.61 11.91
N ASN B 134 -1.61 18.52 11.51
CA ASN B 134 -0.91 19.70 11.03
C ASN B 134 -0.81 19.55 9.52
N GLU B 135 0.17 20.21 8.92
CA GLU B 135 0.36 20.14 7.49
C GLU B 135 1.80 19.83 7.13
N LEU B 136 2.39 18.89 7.86
CA LEU B 136 3.77 18.49 7.60
C LEU B 136 3.75 17.74 6.28
N LYS B 137 4.71 18.05 5.42
CA LYS B 137 4.83 17.40 4.12
C LYS B 137 5.81 16.25 4.25
N THR B 138 6.92 16.50 4.95
CA THR B 138 7.95 15.49 5.17
C THR B 138 8.44 15.57 6.60
N LEU B 139 9.38 14.69 6.95
CA LEU B 139 9.94 14.65 8.30
C LEU B 139 11.44 14.60 8.23
N PRO B 140 12.14 15.24 9.17
CA PRO B 140 13.60 15.19 9.13
C PRO B 140 14.15 13.83 9.58
N PRO B 141 15.19 13.32 8.88
CA PRO B 141 15.75 12.03 9.26
C PRO B 141 16.41 12.13 10.63
N GLY B 142 16.13 11.16 11.49
CA GLY B 142 16.73 11.20 12.81
C GLY B 142 15.94 12.01 13.83
N LEU B 143 14.77 12.48 13.41
CA LEU B 143 13.90 13.26 14.28
C LEU B 143 13.60 12.49 15.57
N LEU B 144 13.55 11.16 15.48
CA LEU B 144 13.25 10.34 16.65
C LEU B 144 14.47 9.72 17.30
N THR B 145 15.66 10.14 16.91
CA THR B 145 16.85 9.58 17.52
C THR B 145 17.04 10.08 18.96
N PRO B 146 16.62 11.32 19.26
CA PRO B 146 16.78 11.80 20.63
C PRO B 146 15.77 11.15 21.57
N THR B 147 14.90 10.31 21.02
CA THR B 147 13.85 9.68 21.81
C THR B 147 13.65 8.18 21.63
N PRO B 148 14.61 7.37 22.10
CA PRO B 148 14.50 5.90 21.98
C PRO B 148 13.37 5.27 22.77
N LYS B 149 13.10 5.81 23.96
CA LYS B 149 12.06 5.27 24.82
C LYS B 149 10.64 5.45 24.27
N LEU B 150 10.50 6.23 23.19
CA LEU B 150 9.19 6.48 22.62
C LEU B 150 8.39 5.20 22.47
N GLU B 151 7.07 5.31 22.56
CA GLU B 151 6.22 4.15 22.44
C GLU B 151 4.90 4.47 21.73
N LYS B 152 4.62 5.76 21.57
CA LYS B 152 3.40 6.20 20.89
C LYS B 152 3.71 7.43 20.06
N LEU B 153 3.44 7.35 18.76
CA LEU B 153 3.71 8.45 17.86
C LEU B 153 2.55 8.72 16.92
N SER B 154 2.03 9.94 16.93
CA SER B 154 0.92 10.29 16.04
C SER B 154 1.29 11.39 15.04
N LEU B 155 1.28 11.05 13.75
CA LEU B 155 1.60 11.98 12.65
C LEU B 155 0.39 11.92 11.72
N ALA B 156 -0.75 11.58 12.29
CA ALA B 156 -2.00 11.45 11.55
C ALA B 156 -2.59 12.77 11.11
N ASN B 157 -3.26 12.73 9.97
CA ASN B 157 -3.92 13.91 9.42
C ASN B 157 -2.99 15.04 9.06
N ASN B 158 -1.87 14.68 8.48
CA ASN B 158 -0.89 15.65 8.03
C ASN B 158 -0.88 15.53 6.51
N ASN B 159 0.16 16.05 5.87
CA ASN B 159 0.27 16.02 4.41
C ASN B 159 1.48 15.19 4.02
N LEU B 160 1.90 14.32 4.93
CA LEU B 160 3.06 13.48 4.68
C LEU B 160 2.89 12.69 3.39
N THR B 161 3.86 12.81 2.49
CA THR B 161 3.83 12.09 1.22
C THR B 161 4.83 10.94 1.27
N GLU B 162 5.79 11.02 2.17
CA GLU B 162 6.81 9.97 2.33
C GLU B 162 7.38 10.00 3.74
N LEU B 163 8.10 8.94 4.12
CA LEU B 163 8.69 8.87 5.45
C LEU B 163 10.16 8.51 5.37
N PRO B 164 11.00 9.08 6.25
CA PRO B 164 12.43 8.81 6.27
C PRO B 164 12.76 7.33 6.49
N ALA B 165 13.51 6.76 5.54
CA ALA B 165 13.91 5.36 5.57
C ALA B 165 14.16 4.83 6.97
N GLY B 166 14.95 5.58 7.73
CA GLY B 166 15.24 5.20 9.10
C GLY B 166 14.61 6.24 10.01
N LEU B 167 13.51 5.87 10.64
CA LEU B 167 12.79 6.78 11.55
C LEU B 167 12.38 6.02 12.78
N LEU B 168 12.07 4.75 12.60
CA LEU B 168 11.65 3.91 13.73
C LEU B 168 12.78 3.08 14.31
N ASN B 169 13.88 2.93 13.58
CA ASN B 169 15.00 2.17 14.10
C ASN B 169 15.51 2.86 15.36
N GLY B 170 15.78 2.06 16.38
CA GLY B 170 16.23 2.60 17.65
C GLY B 170 15.08 2.54 18.64
N LEU B 171 13.87 2.57 18.12
CA LEU B 171 12.67 2.53 18.94
C LEU B 171 12.29 1.10 19.32
N GLU B 172 12.89 0.61 20.40
CA GLU B 172 12.62 -0.75 20.85
C GLU B 172 11.43 -0.79 21.80
N ASN B 173 10.55 0.20 21.73
CA ASN B 173 9.40 0.25 22.62
C ASN B 173 8.08 0.69 21.99
N LEU B 174 8.16 1.14 20.74
CA LEU B 174 7.00 1.60 20.01
C LEU B 174 5.84 0.60 20.05
N ASP B 175 4.66 1.03 20.49
CA ASP B 175 3.51 0.15 20.50
C ASP B 175 2.34 0.67 19.67
N THR B 176 2.27 2.00 19.48
CA THR B 176 1.21 2.64 18.69
C THR B 176 1.77 3.66 17.70
N LEU B 177 1.54 3.45 16.42
CA LEU B 177 2.02 4.36 15.38
C LEU B 177 0.85 4.84 14.53
N LEU B 178 0.40 6.08 14.72
CA LEU B 178 -0.73 6.58 13.93
C LEU B 178 -0.30 7.42 12.71
N LEU B 179 -0.49 6.86 11.52
CA LEU B 179 -0.12 7.52 10.27
C LEU B 179 -1.26 7.65 9.27
N GLN B 180 -2.49 7.41 9.75
CA GLN B 180 -3.67 7.49 8.89
C GLN B 180 -3.88 8.91 8.38
N GLU B 181 -4.71 9.04 7.35
CA GLU B 181 -5.06 10.34 6.77
C GLU B 181 -3.87 11.22 6.34
N ASN B 182 -2.92 10.64 5.63
CA ASN B 182 -1.79 11.38 5.12
C ASN B 182 -1.78 11.16 3.61
N SER B 183 -0.71 11.57 2.94
CA SER B 183 -0.63 11.40 1.50
C SER B 183 0.55 10.49 1.17
N LEU B 184 0.69 9.44 1.99
CA LEU B 184 1.77 8.48 1.85
C LEU B 184 1.58 7.54 0.65
N TYR B 185 2.60 7.44 -0.18
CA TYR B 185 2.55 6.58 -1.36
C TYR B 185 3.24 5.22 -1.17
N THR B 186 4.30 5.17 -0.37
CA THR B 186 5.01 3.92 -0.13
C THR B 186 5.72 3.85 1.22
N ILE B 187 6.03 2.63 1.65
CA ILE B 187 6.72 2.44 2.91
C ILE B 187 8.16 2.06 2.60
N PRO B 188 9.13 2.85 3.11
CA PRO B 188 10.55 2.54 2.86
C PRO B 188 10.80 1.06 3.14
N LYS B 189 11.75 0.46 2.45
CA LYS B 189 12.02 -0.95 2.65
C LYS B 189 12.70 -1.16 3.99
N GLY B 190 12.18 -2.12 4.77
CA GLY B 190 12.72 -2.42 6.08
C GLY B 190 12.39 -1.33 7.08
N PHE B 191 11.31 -0.59 6.79
CA PHE B 191 10.83 0.51 7.61
C PHE B 191 10.36 0.10 8.99
N PHE B 192 9.60 -0.98 9.06
CA PHE B 192 9.09 -1.44 10.34
C PHE B 192 10.19 -2.21 11.04
N GLY B 193 11.38 -1.63 11.03
CA GLY B 193 12.49 -2.31 11.65
C GLY B 193 12.31 -3.67 11.03
N SER B 194 12.18 -4.71 11.84
CA SER B 194 11.98 -6.03 11.29
C SER B 194 11.27 -6.89 12.32
N HIS B 195 10.24 -6.33 12.95
CA HIS B 195 9.51 -7.06 13.97
C HIS B 195 8.04 -6.66 14.16
N LEU B 196 7.49 -6.84 15.36
CA LEU B 196 6.07 -6.56 15.60
C LEU B 196 5.62 -5.33 16.38
N LEU B 197 4.79 -4.52 15.70
CA LEU B 197 4.19 -3.29 16.21
C LEU B 197 2.72 -3.65 16.53
N PRO B 198 2.29 -3.48 17.79
CA PRO B 198 0.95 -3.76 18.33
C PRO B 198 -0.22 -2.99 17.75
N PHE B 199 -0.07 -1.68 17.66
CA PHE B 199 -1.16 -0.87 17.15
C PHE B 199 -0.63 0.11 16.12
N ALA B 200 -1.05 -0.07 14.87
CA ALA B 200 -0.63 0.80 13.77
C ALA B 200 -1.80 1.09 12.85
N PHE B 201 -2.05 2.37 12.62
CA PHE B 201 -3.14 2.84 11.74
C PHE B 201 -2.51 3.37 10.46
N LEU B 202 -2.76 2.71 9.34
CA LEU B 202 -2.15 3.11 8.08
C LEU B 202 -3.14 3.43 6.98
N HIS B 203 -4.41 3.49 7.35
CA HIS B 203 -5.49 3.76 6.41
C HIS B 203 -5.60 5.22 5.98
N GLY B 204 -6.37 5.48 4.93
CA GLY B 204 -6.55 6.83 4.45
C GLY B 204 -5.39 7.36 3.64
N ASN B 205 -4.55 6.45 3.16
CA ASN B 205 -3.39 6.82 2.38
C ASN B 205 -3.48 6.34 0.95
N PRO B 206 -2.97 7.14 0.01
CA PRO B 206 -2.96 6.85 -1.41
C PRO B 206 -1.81 5.92 -1.79
N TRP B 207 -1.69 4.80 -1.11
CA TRP B 207 -0.60 3.86 -1.36
C TRP B 207 -0.40 3.51 -2.82
N LEU B 208 0.82 3.73 -3.33
CA LEU B 208 1.13 3.38 -4.72
C LEU B 208 1.54 1.91 -4.82
N CYS B 209 0.65 1.10 -5.37
CA CYS B 209 0.92 -0.32 -5.49
C CYS B 209 1.64 -0.70 -6.76
N ASN B 210 2.96 -0.72 -6.66
CA ASN B 210 3.82 -1.12 -7.76
C ASN B 210 4.80 -2.07 -7.10
N CYS B 211 5.83 -2.49 -7.82
CA CYS B 211 6.76 -3.44 -7.21
C CYS B 211 7.51 -2.96 -5.99
N GLU B 212 7.38 -1.67 -5.68
CA GLU B 212 8.07 -1.10 -4.50
C GLU B 212 7.17 -1.13 -3.27
N ILE B 213 6.04 -1.80 -3.36
CA ILE B 213 5.13 -1.87 -2.23
C ILE B 213 5.05 -3.31 -1.77
N LEU B 214 5.85 -4.17 -2.37
CA LEU B 214 5.80 -5.57 -1.96
C LEU B 214 6.23 -5.74 -0.52
N TYR B 215 7.24 -4.97 -0.08
CA TYR B 215 7.69 -5.08 1.30
C TYR B 215 6.59 -4.73 2.30
N PHE B 216 5.82 -3.69 1.99
CA PHE B 216 4.73 -3.27 2.87
C PHE B 216 3.65 -4.34 2.87
N ARG B 217 3.52 -5.05 1.76
CA ARG B 217 2.53 -6.11 1.67
C ARG B 217 2.98 -7.27 2.56
N ARG B 218 4.27 -7.56 2.52
CA ARG B 218 4.86 -8.63 3.31
C ARG B 218 4.49 -8.35 4.76
N TRP B 219 4.76 -7.12 5.17
CA TRP B 219 4.47 -6.68 6.53
C TRP B 219 2.99 -6.88 6.88
N LEU B 220 2.13 -6.11 6.23
CA LEU B 220 0.69 -6.16 6.45
C LEU B 220 0.22 -7.58 6.65
N GLN B 221 0.72 -8.51 5.84
CA GLN B 221 0.30 -9.88 5.98
C GLN B 221 0.72 -10.47 7.31
N ASP B 222 2.01 -10.36 7.63
CA ASP B 222 2.51 -10.89 8.90
C ASP B 222 1.92 -10.17 10.12
N ASN B 223 1.54 -8.90 9.94
CA ASN B 223 0.99 -8.13 11.05
C ASN B 223 -0.48 -7.76 10.91
N ALA B 224 -1.26 -8.61 10.25
CA ALA B 224 -2.68 -8.36 10.04
C ALA B 224 -3.46 -8.07 11.32
N GLU B 225 -3.12 -8.77 12.39
CA GLU B 225 -3.79 -8.61 13.69
C GLU B 225 -3.36 -7.36 14.42
N ASN B 226 -2.53 -6.55 13.76
CA ASN B 226 -2.00 -5.35 14.36
C ASN B 226 -2.42 -4.06 13.68
N VAL B 227 -3.23 -4.16 12.63
CA VAL B 227 -3.65 -2.98 11.89
C VAL B 227 -5.07 -2.57 12.22
N TYR B 228 -5.24 -1.32 12.64
CA TYR B 228 -6.57 -0.85 13.00
C TYR B 228 -6.98 0.45 12.30
N VAL B 229 -8.28 0.73 12.37
CA VAL B 229 -8.85 1.93 11.79
C VAL B 229 -9.22 2.86 12.94
N TRP B 230 -8.76 4.09 12.88
CA TRP B 230 -9.07 5.05 13.93
C TRP B 230 -10.55 5.30 14.19
N LYS B 231 -10.94 5.26 15.46
CA LYS B 231 -12.30 5.57 15.88
C LYS B 231 -12.12 6.71 16.90
N GLN B 232 -12.50 7.93 16.53
CA GLN B 232 -12.36 9.07 17.42
C GLN B 232 -13.16 8.76 18.69
N GLY B 233 -12.62 9.18 19.84
CA GLY B 233 -13.27 8.88 21.08
C GLY B 233 -12.59 7.61 21.54
N VAL B 234 -11.35 7.48 21.06
CA VAL B 234 -10.45 6.35 21.33
C VAL B 234 -11.10 4.98 21.33
N ASP B 235 -11.90 4.67 22.34
CA ASP B 235 -12.56 3.38 22.41
C ASP B 235 -11.45 2.33 22.51
N VAL B 236 -10.21 2.81 22.42
CA VAL B 236 -9.02 1.98 22.47
C VAL B 236 -9.04 1.02 21.29
N LYS B 237 -10.25 0.68 20.83
CA LYS B 237 -10.45 -0.24 19.72
C LYS B 237 -9.33 -1.27 19.75
N ALA B 238 -8.97 -1.66 20.97
CA ALA B 238 -7.94 -2.65 21.23
C ALA B 238 -8.42 -4.02 20.77
N MET B 239 -9.54 -4.02 20.05
CA MET B 239 -10.14 -5.26 19.54
C MET B 239 -10.62 -5.15 18.09
N THR B 240 -10.36 -6.23 17.34
CA THR B 240 -10.72 -6.39 15.94
C THR B 240 -9.97 -5.51 14.95
N SER B 241 -8.92 -6.10 14.39
CA SER B 241 -8.08 -5.43 13.40
C SER B 241 -8.80 -5.35 12.06
N ASN B 242 -8.16 -4.72 11.09
CA ASN B 242 -8.73 -4.53 9.76
C ASN B 242 -7.60 -4.15 8.80
N VAL B 243 -6.71 -5.09 8.52
CA VAL B 243 -5.58 -4.84 7.64
C VAL B 243 -6.06 -4.46 6.25
N ALA B 244 -7.30 -4.84 5.95
CA ALA B 244 -7.88 -4.56 4.66
C ALA B 244 -8.18 -3.09 4.49
N SER B 245 -7.91 -2.29 5.51
CA SER B 245 -8.16 -0.86 5.40
C SER B 245 -6.99 -0.13 4.74
N VAL B 246 -5.85 -0.80 4.62
CA VAL B 246 -4.70 -0.21 3.96
C VAL B 246 -4.93 -0.54 2.49
N GLN B 247 -5.27 0.47 1.70
CA GLN B 247 -5.62 0.26 0.31
C GLN B 247 -4.80 0.97 -0.75
N CYS B 248 -4.72 0.34 -1.93
CA CYS B 248 -3.99 0.89 -3.06
C CYS B 248 -4.71 2.13 -3.59
N ASP B 249 -4.04 3.28 -3.52
CA ASP B 249 -4.63 4.54 -3.97
C ASP B 249 -5.83 4.88 -3.13
N ASN B 250 -5.92 4.23 -1.97
CA ASN B 250 -7.01 4.45 -1.03
C ASN B 250 -8.38 4.07 -1.60
N SER B 251 -8.47 2.92 -2.25
CA SER B 251 -9.76 2.51 -2.80
C SER B 251 -10.22 1.18 -2.21
N ASP B 252 -11.40 1.22 -1.59
CA ASP B 252 -12.02 0.06 -0.95
C ASP B 252 -11.61 -1.30 -1.48
N LYS B 253 -12.12 -1.64 -2.66
CA LYS B 253 -11.89 -2.94 -3.27
C LYS B 253 -10.47 -3.37 -3.67
N PHE B 254 -9.44 -2.69 -3.18
CA PHE B 254 -8.07 -3.05 -3.54
C PHE B 254 -7.06 -2.91 -2.40
N PRO B 255 -7.27 -3.65 -1.30
CA PRO B 255 -6.37 -3.60 -0.15
C PRO B 255 -4.97 -4.11 -0.52
N VAL B 256 -3.95 -3.34 -0.14
CA VAL B 256 -2.57 -3.68 -0.45
C VAL B 256 -2.18 -5.13 -0.14
N TYR B 257 -2.57 -5.66 1.03
CA TYR B 257 -2.17 -7.03 1.35
C TYR B 257 -2.66 -8.04 0.32
N LYS B 258 -3.53 -7.59 -0.58
CA LYS B 258 -4.04 -8.45 -1.63
C LYS B 258 -3.44 -8.06 -2.98
N TYR B 259 -2.42 -7.19 -2.94
CA TYR B 259 -1.75 -6.71 -4.15
C TYR B 259 -1.11 -7.86 -4.89
N PRO B 260 -1.50 -8.05 -6.16
CA PRO B 260 -0.98 -9.12 -7.02
C PRO B 260 0.53 -9.09 -7.16
N GLY B 261 1.09 -7.89 -7.31
CA GLY B 261 2.52 -7.78 -7.49
C GLY B 261 2.90 -8.63 -8.70
N LYS B 262 2.18 -8.41 -9.80
CA LYS B 262 2.42 -9.16 -11.03
C LYS B 262 3.74 -8.77 -11.67
N GLY B 263 4.56 -9.79 -11.92
CA GLY B 263 5.83 -9.57 -12.56
C GLY B 263 6.79 -8.69 -11.79
N CYS B 264 6.96 -9.03 -10.52
CA CYS B 264 7.87 -8.27 -9.69
C CYS B 264 8.96 -9.23 -9.26
N PRO B 265 10.20 -8.73 -9.13
CA PRO B 265 11.35 -9.54 -8.70
C PRO B 265 11.14 -10.07 -7.29
N THR B 266 12.10 -10.87 -6.83
CA THR B 266 12.10 -11.50 -5.51
C THR B 266 11.23 -12.75 -5.49
C1 NAG C . -18.33 -18.35 -15.86
C2 NAG C . -19.86 -18.15 -15.81
C3 NAG C . -20.30 -17.71 -14.41
C4 NAG C . -19.81 -18.73 -13.38
C5 NAG C . -18.28 -18.83 -13.48
C6 NAG C . -17.67 -19.82 -12.51
C7 NAG C . -20.58 -17.51 -18.03
C8 NAG C . -19.71 -17.00 -19.16
N2 NAG C . -20.26 -17.15 -16.79
O3 NAG C . -21.71 -17.61 -14.37
O4 NAG C . -20.19 -18.33 -12.04
O5 NAG C . -17.90 -19.25 -14.82
O6 NAG C . -18.24 -21.12 -12.67
O7 NAG C . -21.54 -18.24 -18.29
C1 NAG C . -21.35 -18.87 -11.49
C2 NAG C . -21.99 -17.79 -10.59
C3 NAG C . -23.44 -18.11 -10.25
C4 NAG C . -24.08 -18.12 -11.62
C5 NAG C . -23.62 -19.41 -12.26
C6 NAG C . -24.36 -19.74 -13.56
C7 NAG C . -20.76 -16.39 -9.08
C8 NAG C . -21.37 -15.67 -7.89
N2 NAG C . -21.22 -17.60 -9.37
O3 NAG C . -24.00 -17.10 -9.43
O4 NAG C . -25.50 -17.94 -11.62
O5 NAG C . -22.22 -19.27 -12.59
O6 NAG C . -24.07 -21.06 -14.00
O7 NAG C . -19.86 -15.85 -9.74
C1 MAN C . -25.89 -17.07 -12.64
C2 MAN C . -26.53 -17.82 -13.77
C3 MAN C . -26.53 -16.88 -14.97
C4 MAN C . -26.59 -15.41 -14.51
C5 MAN C . -27.33 -15.22 -13.18
C6 MAN C . -28.82 -15.46 -13.25
O2 MAN C . -27.86 -18.16 -13.41
O3 MAN C . -27.62 -17.20 -15.86
O4 MAN C . -25.27 -14.91 -14.40
O5 MAN C . -26.80 -16.09 -12.13
O6 MAN C . -29.52 -14.26 -13.56
C1 MAN C . -28.32 -16.13 -16.39
C2 MAN C . -29.77 -16.49 -16.52
C3 MAN C . -30.55 -15.25 -16.92
C4 MAN C . -29.97 -14.67 -18.23
C5 MAN C . -28.44 -14.47 -18.15
C6 MAN C . -28.00 -13.29 -17.29
O2 MAN C . -30.23 -16.99 -15.28
O3 MAN C . -30.46 -14.27 -15.89
O4 MAN C . -30.28 -15.55 -19.30
O5 MAN C . -27.80 -15.66 -17.63
O6 MAN C . -26.59 -13.14 -17.30
PT PT D . -7.18 -7.87 -9.80
PT PT E . 11.17 -25.95 -23.28
C1 NAG F . -2.66 19.49 3.08
C2 NAG F . -2.71 20.79 2.25
C3 NAG F . -4.15 21.34 2.21
C4 NAG F . -5.14 20.27 1.76
C5 NAG F . -4.97 19.02 2.64
C6 NAG F . -5.89 17.87 2.21
C7 NAG F . -0.67 22.07 2.24
C8 NAG F . 0.57 22.03 3.11
N2 NAG F . -1.83 21.77 2.83
O3 NAG F . -4.21 22.46 1.34
O4 NAG F . -6.47 20.77 1.83
O5 NAG F . -3.61 18.54 2.57
O6 NAG F . -5.13 16.71 1.88
O7 NAG F . -0.59 22.36 1.05
PT PT G . -8.16 17.12 18.96
#